data_6B7A
#
_entry.id   6B7A
#
_cell.length_a   134.600
_cell.length_b   134.600
_cell.length_c   134.600
_cell.angle_alpha   90.000
_cell.angle_beta   90.000
_cell.angle_gamma   90.000
#
_symmetry.space_group_name_H-M   'I 2 3'
#
loop_
_entity.id
_entity.type
_entity.pdbx_description
1 polymer 'Phosphopantetheine adenylyltransferase'
2 non-polymer 2-methyl-1H-benzimidazol-7-ol
3 non-polymer 'SULFATE ION'
4 non-polymer DI(HYDROXYETHYL)ETHER
5 non-polymer 'CHLORIDE ION'
6 non-polymer 'PYROPHOSPHATE 2-'
7 water water
#
_entity_poly.entity_id   1
_entity_poly.type   'polypeptide(L)'
_entity_poly.pdbx_seq_one_letter_code
;MQKRAIYPGTFDPITNGHIDIVTRATQMFDHVILAIAASPSKKPMFTLEERVALAQQATAHLGNVEVVGFSDLMANFARN
QHATVLIRGLRAVADFEYEMQLAHMNRHLMPELESVFLMPSKEWSFISSSLVKEVARHQGDVTHFLPENVHQALMAKLAV
DHHHHHH
;
_entity_poly.pdbx_strand_id   A,B
#
loop_
_chem_comp.id
_chem_comp.type
_chem_comp.name
_chem_comp.formula
CL non-polymer 'CHLORIDE ION' 'Cl -1'
CWM non-polymer 2-methyl-1H-benzimidazol-7-ol 'C8 H8 N2 O'
PEG non-polymer DI(HYDROXYETHYL)ETHER 'C4 H10 O3'
POP non-polymer 'PYROPHOSPHATE 2-' 'H2 O7 P2 -2'
SO4 non-polymer 'SULFATE ION' 'O4 S -2'
#
# COMPACT_ATOMS: atom_id res chain seq x y z
N GLN A 2 -4.09 18.57 4.47
CA GLN A 2 -4.90 18.46 3.26
C GLN A 2 -5.36 17.03 2.95
N LYS A 3 -4.44 16.05 2.92
CA LYS A 3 -4.83 14.67 2.62
C LYS A 3 -5.52 14.04 3.82
N ARG A 4 -6.72 13.53 3.58
CA ARG A 4 -7.51 12.83 4.59
C ARG A 4 -7.56 11.36 4.24
N ALA A 5 -7.21 10.52 5.20
CA ALA A 5 -7.17 9.08 5.01
C ALA A 5 -8.03 8.42 6.09
N ILE A 6 -8.65 7.30 5.72
CA ILE A 6 -9.41 6.49 6.66
C ILE A 6 -8.72 5.14 6.79
N TYR A 7 -8.76 4.60 8.01
CA TYR A 7 -8.19 3.29 8.32
C TYR A 7 -9.33 2.52 8.96
N PRO A 8 -10.10 1.78 8.18
CA PRO A 8 -11.29 1.10 8.71
C PRO A 8 -11.01 -0.33 9.13
N GLY A 9 -11.81 -0.79 10.08
CA GLY A 9 -11.67 -2.15 10.57
C GLY A 9 -12.62 -2.37 11.71
N THR A 10 -12.67 -3.62 12.16
CA THR A 10 -13.51 -3.98 13.29
C THR A 10 -12.81 -3.72 14.62
N PHE A 11 -11.48 -3.87 14.65
CA PHE A 11 -10.65 -3.59 15.83
C PHE A 11 -11.26 -4.19 17.10
N ASP A 12 -11.40 -5.51 17.08
CA ASP A 12 -12.08 -6.26 18.12
C ASP A 12 -11.14 -7.27 18.77
N PRO A 13 -10.17 -6.82 19.58
CA PRO A 13 -9.86 -5.44 19.92
C PRO A 13 -8.68 -4.92 19.10
N ILE A 14 -8.36 -3.64 19.26
CA ILE A 14 -7.19 -3.07 18.59
C ILE A 14 -5.92 -3.69 19.16
N THR A 15 -5.00 -4.06 18.29
CA THR A 15 -3.74 -4.69 18.66
C THR A 15 -2.57 -3.76 18.33
N ASN A 16 -1.38 -4.19 18.77
CA ASN A 16 -0.17 -3.47 18.41
C ASN A 16 0.08 -3.48 16.91
N GLY A 17 -0.47 -4.46 16.20
CA GLY A 17 -0.40 -4.44 14.75
C GLY A 17 -1.18 -3.27 14.17
N HIS A 18 -2.39 -3.06 14.68
CA HIS A 18 -3.18 -1.88 14.29
C HIS A 18 -2.47 -0.59 14.65
N ILE A 19 -1.91 -0.53 15.87
CA ILE A 19 -1.21 0.68 16.28
C ILE A 19 -0.05 0.97 15.35
N ASP A 20 0.68 -0.07 14.95
CA ASP A 20 1.78 0.10 14.02
CA ASP A 20 1.78 0.11 14.02
C ASP A 20 1.28 0.70 12.70
N ILE A 21 0.21 0.14 12.15
CA ILE A 21 -0.31 0.61 10.86
C ILE A 21 -0.77 2.06 10.95
N VAL A 22 -1.58 2.38 11.97
CA VAL A 22 -2.10 3.74 12.06
C VAL A 22 -0.98 4.74 12.33
N THR A 23 0.05 4.33 13.08
CA THR A 23 1.16 5.23 13.32
C THR A 23 1.89 5.56 12.02
N ARG A 24 2.15 4.53 11.21
CA ARG A 24 2.76 4.77 9.90
C ARG A 24 1.88 5.66 9.05
N ALA A 25 0.55 5.49 9.11
CA ALA A 25 -0.35 6.32 8.33
C ALA A 25 -0.24 7.79 8.73
N THR A 26 -0.18 8.07 10.04
CA THR A 26 -0.09 9.46 10.49
C THR A 26 1.20 10.12 10.07
N GLN A 27 2.25 9.35 9.80
CA GLN A 27 3.49 9.90 9.29
CA GLN A 27 3.49 9.92 9.31
C GLN A 27 3.45 10.18 7.81
N MET A 28 2.39 9.72 7.14
CA MET A 28 2.21 9.86 5.70
C MET A 28 1.16 10.90 5.31
N PHE A 29 0.09 11.04 6.09
CA PHE A 29 -1.04 11.85 5.70
C PHE A 29 -1.40 12.83 6.81
N ASP A 30 -2.01 13.96 6.42
CA ASP A 30 -2.26 15.03 7.38
CA ASP A 30 -2.26 15.03 7.38
C ASP A 30 -3.26 14.62 8.44
N HIS A 31 -4.29 13.86 8.06
CA HIS A 31 -5.32 13.48 9.00
C HIS A 31 -5.76 12.04 8.72
N VAL A 32 -5.82 11.23 9.77
CA VAL A 32 -6.16 9.82 9.66
C VAL A 32 -7.38 9.58 10.53
N ILE A 33 -8.45 9.08 9.93
CA ILE A 33 -9.63 8.66 10.68
C ILE A 33 -9.50 7.16 10.93
N LEU A 34 -9.32 6.78 12.19
CA LEU A 34 -9.39 5.37 12.57
CA LEU A 34 -9.39 5.38 12.58
C LEU A 34 -10.87 5.02 12.70
N ALA A 35 -11.39 4.32 11.69
CA ALA A 35 -12.82 4.08 11.57
C ALA A 35 -13.18 2.68 12.06
N ILE A 36 -14.01 2.61 13.09
CA ILE A 36 -14.36 1.35 13.74
C ILE A 36 -15.74 0.92 13.28
N ALA A 37 -15.78 -0.19 12.55
CA ALA A 37 -17.03 -0.74 12.05
C ALA A 37 -17.86 -1.36 13.17
N ALA A 38 -19.16 -1.10 13.14
CA ALA A 38 -20.06 -1.76 14.07
C ALA A 38 -19.95 -3.29 13.95
N SER A 39 -19.85 -3.79 12.71
CA SER A 39 -19.61 -5.18 12.33
C SER A 39 -20.43 -6.17 13.16
N PRO A 40 -21.75 -6.03 13.20
CA PRO A 40 -22.57 -6.97 13.99
C PRO A 40 -22.55 -8.38 13.44
N SER A 41 -22.36 -8.55 12.13
CA SER A 41 -22.45 -9.87 11.52
C SER A 41 -21.37 -10.82 12.02
N LYS A 42 -20.22 -10.31 12.43
CA LYS A 42 -19.17 -11.15 13.00
C LYS A 42 -19.29 -11.34 14.50
N LYS A 43 -20.31 -10.74 15.14
CA LYS A 43 -20.55 -10.83 16.57
C LYS A 43 -19.29 -10.53 17.38
N PRO A 44 -18.86 -9.28 17.45
CA PRO A 44 -17.58 -8.96 18.09
C PRO A 44 -17.57 -9.25 19.58
N MET A 45 -16.36 -9.44 20.11
CA MET A 45 -16.21 -9.69 21.54
CA MET A 45 -16.22 -9.69 21.54
C MET A 45 -16.47 -8.42 22.36
N PHE A 46 -15.95 -7.29 21.90
CA PHE A 46 -16.20 -6.01 22.55
C PHE A 46 -17.30 -5.27 21.79
N THR A 47 -18.11 -4.53 22.55
CA THR A 47 -19.13 -3.69 21.92
C THR A 47 -18.45 -2.56 21.16
N LEU A 48 -19.23 -1.88 20.31
CA LEU A 48 -18.68 -0.77 19.55
C LEU A 48 -18.17 0.33 20.49
N GLU A 49 -18.92 0.63 21.55
CA GLU A 49 -18.50 1.70 22.44
C GLU A 49 -17.22 1.32 23.19
N GLU A 50 -17.09 0.04 23.56
CA GLU A 50 -15.82 -0.44 24.11
C GLU A 50 -14.68 -0.29 23.10
N ARG A 51 -14.91 -0.73 21.86
CA ARG A 51 -13.85 -0.74 20.87
C ARG A 51 -13.39 0.68 20.54
N VAL A 52 -14.34 1.63 20.43
CA VAL A 52 -13.97 3.03 20.20
C VAL A 52 -13.18 3.58 21.37
N ALA A 53 -13.65 3.33 22.60
CA ALA A 53 -12.96 3.84 23.77
C ALA A 53 -11.55 3.28 23.89
N LEU A 54 -11.41 1.96 23.68
CA LEU A 54 -10.08 1.35 23.70
C LEU A 54 -9.16 1.98 22.66
N ALA A 55 -9.65 2.17 21.44
CA ALA A 55 -8.80 2.68 20.37
C ALA A 55 -8.41 4.14 20.61
N GLN A 56 -9.33 4.94 21.14
CA GLN A 56 -9.01 6.34 21.46
C GLN A 56 -7.88 6.42 22.47
N GLN A 57 -8.01 5.68 23.58
CA GLN A 57 -6.95 5.65 24.59
C GLN A 57 -5.62 5.19 23.98
N ALA A 58 -5.66 4.12 23.17
CA ALA A 58 -4.47 3.55 22.58
C ALA A 58 -3.81 4.46 21.53
N THR A 59 -4.53 5.47 21.02
CA THR A 59 -3.97 6.36 20.00
C THR A 59 -3.93 7.80 20.46
N ALA A 60 -4.19 8.07 21.74
CA ALA A 60 -4.23 9.44 22.24
C ALA A 60 -2.92 10.19 21.98
N HIS A 61 -1.80 9.48 21.90
CA HIS A 61 -0.51 10.11 21.66
C HIS A 61 -0.32 10.56 20.22
N LEU A 62 -1.21 10.17 19.31
CA LEU A 62 -1.11 10.54 17.90
C LEU A 62 -2.02 11.73 17.64
N GLY A 63 -1.42 12.89 17.37
CA GLY A 63 -2.18 14.13 17.32
C GLY A 63 -3.15 14.19 16.16
N ASN A 64 -2.83 13.57 15.04
CA ASN A 64 -3.68 13.67 13.85
C ASN A 64 -4.50 12.40 13.59
N VAL A 65 -4.85 11.66 14.64
CA VAL A 65 -5.76 10.53 14.54
C VAL A 65 -7.11 10.94 15.12
N GLU A 66 -8.17 10.55 14.42
CA GLU A 66 -9.55 10.72 14.88
C GLU A 66 -10.21 9.36 14.87
N VAL A 67 -10.70 8.91 16.02
CA VAL A 67 -11.35 7.61 16.14
C VAL A 67 -12.86 7.84 16.05
N VAL A 68 -13.50 7.14 15.11
CA VAL A 68 -14.90 7.34 14.79
C VAL A 68 -15.52 5.97 14.51
N GLY A 69 -16.71 5.75 15.05
CA GLY A 69 -17.47 4.57 14.70
C GLY A 69 -18.31 4.83 13.46
N PHE A 70 -18.65 3.75 12.75
CA PHE A 70 -19.48 3.87 11.57
C PHE A 70 -20.17 2.54 11.32
N SER A 71 -21.37 2.62 10.76
CA SER A 71 -22.12 1.44 10.37
C SER A 71 -22.42 1.36 8.88
N ASP A 72 -21.98 2.33 8.10
CA ASP A 72 -22.24 2.31 6.67
C ASP A 72 -21.23 1.41 5.94
N LEU A 73 -21.38 1.37 4.63
CA LEU A 73 -20.39 0.78 3.75
C LEU A 73 -19.10 1.59 3.87
N MET A 74 -17.94 0.92 3.87
CA MET A 74 -16.67 1.63 4.01
C MET A 74 -16.57 2.78 3.01
N ALA A 75 -16.95 2.53 1.76
CA ALA A 75 -16.89 3.55 0.72
C ALA A 75 -17.84 4.72 1.00
N ASN A 76 -19.05 4.42 1.48
CA ASN A 76 -19.98 5.50 1.81
C ASN A 76 -19.43 6.38 2.93
N PHE A 77 -18.85 5.75 3.96
CA PHE A 77 -18.29 6.53 5.06
C PHE A 77 -17.09 7.35 4.62
N ALA A 78 -16.21 6.77 3.81
CA ALA A 78 -15.05 7.51 3.31
C ALA A 78 -15.49 8.71 2.47
N ARG A 79 -16.49 8.51 1.61
CA ARG A 79 -17.02 9.62 0.83
C ARG A 79 -17.54 10.74 1.72
N ASN A 80 -18.34 10.39 2.71
CA ASN A 80 -18.92 11.39 3.59
CA ASN A 80 -18.93 11.37 3.62
C ASN A 80 -17.88 12.06 4.50
N GLN A 81 -16.76 11.39 4.76
CA GLN A 81 -15.68 11.98 5.53
C GLN A 81 -14.71 12.77 4.66
N HIS A 82 -14.98 12.86 3.35
CA HIS A 82 -14.09 13.54 2.41
C HIS A 82 -12.68 12.97 2.47
N ALA A 83 -12.57 11.66 2.62
CA ALA A 83 -11.29 10.97 2.59
C ALA A 83 -11.00 10.54 1.16
N THR A 84 -9.75 10.70 0.74
CA THR A 84 -9.31 10.25 -0.56
C THR A 84 -8.30 9.11 -0.49
N VAL A 85 -7.99 8.61 0.70
CA VAL A 85 -7.08 7.48 0.88
C VAL A 85 -7.72 6.50 1.86
N LEU A 86 -7.69 5.22 1.51
CA LEU A 86 -8.18 4.15 2.37
C LEU A 86 -6.99 3.27 2.73
N ILE A 87 -6.70 3.18 4.02
CA ILE A 87 -5.53 2.46 4.51
C ILE A 87 -5.94 1.03 4.82
N ARG A 88 -5.14 0.07 4.37
CA ARG A 88 -5.29 -1.31 4.79
C ARG A 88 -3.90 -1.89 5.02
N GLY A 89 -3.79 -2.71 6.05
CA GLY A 89 -2.55 -3.41 6.33
C GLY A 89 -2.61 -4.77 5.64
N LEU A 90 -1.45 -5.21 5.15
CA LEU A 90 -1.33 -6.49 4.47
C LEU A 90 -0.46 -7.40 5.31
N ARG A 91 -0.97 -8.59 5.61
CA ARG A 91 -0.27 -9.52 6.48
C ARG A 91 0.23 -10.72 5.72
N ALA A 92 -0.67 -11.48 5.09
CA ALA A 92 -0.32 -12.73 4.41
C ALA A 92 -0.95 -12.76 3.03
N VAL A 93 -0.73 -13.89 2.34
CA VAL A 93 -1.31 -14.09 1.01
C VAL A 93 -2.83 -14.05 1.09
N ALA A 94 -3.41 -14.66 2.13
CA ALA A 94 -4.86 -14.67 2.29
C ALA A 94 -5.42 -13.25 2.42
N ASP A 95 -4.77 -12.41 3.23
CA ASP A 95 -5.04 -10.98 3.24
C ASP A 95 -5.09 -10.42 1.84
N PHE A 96 -3.94 -10.53 1.14
CA PHE A 96 -3.72 -9.89 -0.14
C PHE A 96 -4.86 -10.15 -1.11
N GLU A 97 -5.26 -11.42 -1.25
CA GLU A 97 -6.27 -11.76 -2.24
C GLU A 97 -7.63 -11.16 -1.89
N TYR A 98 -7.98 -11.17 -0.60
CA TYR A 98 -9.23 -10.56 -0.17
C TYR A 98 -9.18 -9.03 -0.29
N GLU A 99 -8.04 -8.43 0.07
CA GLU A 99 -7.88 -7.00 -0.07
C GLU A 99 -7.93 -6.58 -1.54
N MET A 100 -7.42 -7.43 -2.43
CA MET A 100 -7.49 -7.14 -3.86
C MET A 100 -8.95 -7.04 -4.29
N GLN A 101 -9.77 -8.00 -3.86
CA GLN A 101 -11.20 -7.95 -4.10
C GLN A 101 -11.80 -6.66 -3.60
N LEU A 102 -11.58 -6.37 -2.31
CA LEU A 102 -12.18 -5.20 -1.71
C LEU A 102 -11.74 -3.94 -2.43
N ALA A 103 -10.47 -3.88 -2.82
CA ALA A 103 -9.95 -2.68 -3.48
C ALA A 103 -10.63 -2.46 -4.82
N HIS A 104 -10.80 -3.52 -5.61
CA HIS A 104 -11.46 -3.37 -6.90
C HIS A 104 -12.93 -2.97 -6.73
N MET A 105 -13.60 -3.52 -5.71
CA MET A 105 -14.97 -3.13 -5.44
C MET A 105 -15.03 -1.67 -5.00
N ASN A 106 -14.15 -1.27 -4.09
CA ASN A 106 -14.12 0.12 -3.62
C ASN A 106 -13.80 1.09 -4.75
N ARG A 107 -12.91 0.70 -5.68
CA ARG A 107 -12.64 1.58 -6.82
C ARG A 107 -13.88 1.75 -7.68
N HIS A 108 -14.68 0.70 -7.82
CA HIS A 108 -15.95 0.79 -8.54
C HIS A 108 -16.93 1.69 -7.81
N LEU A 109 -17.02 1.56 -6.48
CA LEU A 109 -18.00 2.32 -5.71
C LEU A 109 -17.57 3.78 -5.53
N MET A 110 -16.29 4.04 -5.38
CA MET A 110 -15.78 5.39 -5.14
C MET A 110 -14.45 5.55 -5.86
N PRO A 111 -14.50 5.93 -7.15
CA PRO A 111 -13.26 6.00 -7.95
C PRO A 111 -12.27 7.04 -7.43
N GLU A 112 -12.74 8.06 -6.73
CA GLU A 112 -11.85 9.10 -6.20
C GLU A 112 -11.22 8.70 -4.88
N LEU A 113 -11.46 7.47 -4.43
CA LEU A 113 -10.85 6.90 -3.24
C LEU A 113 -9.74 5.93 -3.64
N GLU A 114 -8.51 6.19 -3.19
CA GLU A 114 -7.36 5.35 -3.45
C GLU A 114 -7.10 4.43 -2.27
N SER A 115 -6.99 3.12 -2.56
CA SER A 115 -6.64 2.12 -1.55
C SER A 115 -5.12 2.00 -1.52
N VAL A 116 -4.53 2.19 -0.34
CA VAL A 116 -3.09 2.04 -0.16
C VAL A 116 -2.85 1.00 0.91
N PHE A 117 -1.89 0.13 0.66
CA PHE A 117 -1.60 -0.99 1.53
C PHE A 117 -0.26 -0.80 2.20
N LEU A 118 -0.28 -0.89 3.52
CA LEU A 118 0.90 -0.76 4.36
CA LEU A 118 0.90 -0.76 4.36
C LEU A 118 1.32 -2.12 4.88
N MET A 119 2.58 -2.26 5.19
CA MET A 119 3.08 -3.54 5.65
C MET A 119 3.45 -3.47 7.12
N PRO A 120 2.95 -4.38 7.95
CA PRO A 120 3.28 -4.32 9.37
C PRO A 120 4.72 -4.73 9.65
N SER A 121 5.20 -4.31 10.81
CA SER A 121 6.51 -4.74 11.28
C SER A 121 6.55 -6.26 11.36
N LYS A 122 7.75 -6.82 11.25
CA LYS A 122 7.92 -8.25 11.45
C LYS A 122 7.34 -8.67 12.79
N GLU A 123 7.48 -7.80 13.81
CA GLU A 123 6.97 -8.08 15.15
C GLU A 123 5.49 -8.44 15.15
N TRP A 124 4.70 -7.80 14.29
CA TRP A 124 3.25 -7.99 14.30
C TRP A 124 2.73 -8.72 13.06
N SER A 125 3.60 -9.27 12.23
CA SER A 125 3.19 -9.81 10.93
CA SER A 125 3.11 -9.77 10.93
C SER A 125 2.41 -11.12 11.04
N PHE A 126 2.29 -11.69 12.23
CA PHE A 126 1.66 -13.00 12.37
C PHE A 126 0.50 -13.01 13.35
N ILE A 127 0.04 -11.84 13.78
CA ILE A 127 -1.04 -11.74 14.73
C ILE A 127 -2.25 -11.08 14.09
N SER A 128 -3.39 -11.30 14.72
CA SER A 128 -4.66 -10.70 14.32
C SER A 128 -5.50 -10.58 15.59
N SER A 129 -6.58 -9.81 15.51
CA SER A 129 -7.51 -9.75 16.63
C SER A 129 -8.05 -11.13 16.96
N SER A 130 -8.39 -11.92 15.94
CA SER A 130 -8.96 -13.24 16.17
CA SER A 130 -8.98 -13.23 16.20
C SER A 130 -7.98 -14.16 16.88
N LEU A 131 -6.72 -14.18 16.40
CA LEU A 131 -5.72 -15.04 17.03
C LEU A 131 -5.48 -14.63 18.47
N VAL A 132 -5.39 -13.32 18.72
CA VAL A 132 -5.15 -12.85 20.08
C VAL A 132 -6.28 -13.28 21.00
N LYS A 133 -7.54 -13.10 20.55
CA LYS A 133 -8.68 -13.53 21.35
C LYS A 133 -8.65 -15.04 21.59
N GLU A 134 -8.33 -15.81 20.56
CA GLU A 134 -8.28 -17.27 20.69
C GLU A 134 -7.25 -17.70 21.73
N VAL A 135 -6.05 -17.10 21.67
CA VAL A 135 -5.01 -17.44 22.65
C VAL A 135 -5.43 -17.03 24.05
N ALA A 136 -5.91 -15.79 24.20
CA ALA A 136 -6.31 -15.31 25.51
C ALA A 136 -7.46 -16.13 26.10
N ARG A 137 -8.45 -16.47 25.28
CA ARG A 137 -9.56 -17.29 25.74
C ARG A 137 -9.10 -18.64 26.29
N HIS A 138 -8.04 -19.20 25.71
CA HIS A 138 -7.50 -20.48 26.14
C HIS A 138 -6.35 -20.33 27.13
N GLN A 139 -6.29 -19.19 27.83
CA GLN A 139 -5.37 -18.97 28.93
C GLN A 139 -3.92 -18.85 28.47
N GLY A 140 -3.71 -18.32 27.25
CA GLY A 140 -2.40 -17.93 26.79
C GLY A 140 -2.08 -16.45 27.00
N ASP A 141 -0.78 -16.15 27.03
CA ASP A 141 -0.26 -14.82 27.33
C ASP A 141 -0.26 -13.98 26.05
N VAL A 142 -1.08 -12.93 26.01
CA VAL A 142 -1.10 -12.01 24.88
C VAL A 142 -0.66 -10.60 25.26
N THR A 143 0.03 -10.45 26.40
CA THR A 143 0.42 -9.12 26.88
C THR A 143 1.23 -8.37 25.83
N HIS A 144 2.13 -9.07 25.15
CA HIS A 144 3.06 -8.46 24.22
C HIS A 144 2.37 -7.88 22.98
N PHE A 145 1.15 -8.29 22.70
CA PHE A 145 0.49 -7.98 21.44
C PHE A 145 -0.52 -6.84 21.53
N LEU A 146 -0.76 -6.32 22.73
CA LEU A 146 -1.83 -5.36 22.94
C LEU A 146 -1.33 -4.14 23.68
N PRO A 147 -1.91 -2.97 23.42
CA PRO A 147 -1.72 -1.83 24.32
C PRO A 147 -2.17 -2.20 25.73
N GLU A 148 -1.51 -1.59 26.71
CA GLU A 148 -1.82 -1.85 28.12
C GLU A 148 -3.32 -1.76 28.41
N ASN A 149 -3.95 -0.66 27.98
CA ASN A 149 -5.37 -0.47 28.26
C ASN A 149 -6.22 -1.59 27.65
N VAL A 150 -5.83 -2.08 26.48
CA VAL A 150 -6.57 -3.16 25.84
C VAL A 150 -6.35 -4.47 26.59
N HIS A 151 -5.11 -4.71 27.02
CA HIS A 151 -4.80 -5.93 27.79
C HIS A 151 -5.64 -5.99 29.06
N GLN A 152 -5.71 -4.88 29.81
CA GLN A 152 -6.55 -4.83 31.00
C GLN A 152 -8.00 -5.15 30.69
N ALA A 153 -8.54 -4.54 29.62
CA ALA A 153 -9.95 -4.74 29.30
C ALA A 153 -10.22 -6.17 28.86
N LEU A 154 -9.28 -6.78 28.15
CA LEU A 154 -9.43 -8.17 27.72
C LEU A 154 -9.46 -9.12 28.91
N MET A 155 -8.51 -8.98 29.83
CA MET A 155 -8.53 -9.78 31.06
C MET A 155 -9.86 -9.63 31.79
N ALA A 156 -10.31 -8.39 31.98
CA ALA A 156 -11.59 -8.14 32.64
C ALA A 156 -12.72 -8.85 31.91
N LYS A 157 -12.78 -8.70 30.57
CA LYS A 157 -13.78 -9.39 29.77
C LYS A 157 -13.75 -10.89 29.97
N LEU A 158 -12.58 -11.51 29.85
CA LEU A 158 -12.49 -12.97 29.92
C LEU A 158 -12.76 -13.51 31.31
N ALA A 159 -12.52 -12.70 32.36
CA ALA A 159 -12.89 -13.15 33.68
C ALA A 159 -14.40 -13.26 33.84
N VAL A 160 -15.16 -12.66 32.91
CA VAL A 160 -16.61 -12.72 32.86
C VAL A 160 -17.24 -12.33 34.20
N GLN B 2 6.30 19.00 -0.96
CA GLN B 2 6.55 18.70 0.45
C GLN B 2 6.60 17.18 0.70
N LYS B 3 5.54 16.43 0.37
CA LYS B 3 5.58 14.96 0.48
C LYS B 3 6.18 14.41 -0.81
N ARG B 4 7.32 13.73 -0.70
CA ARG B 4 8.04 13.18 -1.85
C ARG B 4 8.03 11.66 -1.83
N ALA B 5 7.68 11.06 -2.97
CA ALA B 5 7.61 9.62 -3.11
C ALA B 5 8.47 9.16 -4.27
N ILE B 6 9.04 7.97 -4.13
CA ILE B 6 9.84 7.33 -5.18
C ILE B 6 9.10 6.09 -5.65
N TYR B 7 9.05 5.90 -6.97
CA TYR B 7 8.45 4.71 -7.59
C TYR B 7 9.55 4.00 -8.35
N PRO B 8 10.24 3.05 -7.71
CA PRO B 8 11.38 2.39 -8.35
C PRO B 8 10.99 1.12 -9.07
N GLY B 9 11.78 0.79 -10.08
CA GLY B 9 11.55 -0.42 -10.85
C GLY B 9 12.51 -0.48 -12.01
N THR B 10 12.46 -1.61 -12.71
CA THR B 10 13.33 -1.79 -13.87
C THR B 10 12.75 -1.15 -15.12
N PHE B 11 11.42 -1.13 -15.25
CA PHE B 11 10.71 -0.46 -16.35
C PHE B 11 11.34 -0.79 -17.71
N ASP B 12 11.37 -2.07 -18.04
CA ASP B 12 12.05 -2.58 -19.23
C ASP B 12 11.06 -3.30 -20.15
N PRO B 13 10.19 -2.56 -20.85
CA PRO B 13 10.02 -1.11 -20.80
C PRO B 13 8.83 -0.74 -19.93
N ILE B 14 8.59 0.55 -19.74
CA ILE B 14 7.45 1.01 -18.96
C ILE B 14 6.16 0.64 -19.69
N THR B 15 5.18 0.13 -18.95
CA THR B 15 3.91 -0.31 -19.51
C THR B 15 2.78 0.61 -19.04
N ASN B 16 1.59 0.38 -19.59
CA ASN B 16 0.40 1.08 -19.12
C ASN B 16 0.09 0.74 -17.67
N GLY B 17 0.53 -0.43 -17.21
CA GLY B 17 0.40 -0.76 -15.80
C GLY B 17 1.23 0.16 -14.94
N HIS B 18 2.49 0.38 -15.32
CA HIS B 18 3.32 1.37 -14.64
C HIS B 18 2.72 2.76 -14.72
N ILE B 19 2.20 3.14 -15.89
CA ILE B 19 1.61 4.46 -16.05
C ILE B 19 0.44 4.63 -15.08
N ASP B 20 -0.39 3.62 -14.95
CA ASP B 20 -1.51 3.69 -14.01
C ASP B 20 -1.00 3.93 -12.59
N ILE B 21 0.04 3.20 -12.17
CA ILE B 21 0.53 3.31 -10.79
C ILE B 21 1.11 4.68 -10.53
N VAL B 22 1.99 5.17 -11.43
CA VAL B 22 2.61 6.47 -11.18
C VAL B 22 1.57 7.58 -11.23
N THR B 23 0.55 7.43 -12.08
CA THR B 23 -0.51 8.43 -12.13
C THR B 23 -1.26 8.49 -10.81
N ARG B 24 -1.57 7.32 -10.25
CA ARG B 24 -2.21 7.27 -8.93
CA ARG B 24 -2.21 7.28 -8.94
C ARG B 24 -1.30 7.87 -7.87
N ALA B 25 0.00 7.62 -7.97
CA ALA B 25 0.94 8.19 -7.01
C ALA B 25 0.89 9.72 -7.05
N THR B 26 0.86 10.30 -8.24
CA THR B 26 0.82 11.77 -8.35
C THR B 26 -0.47 12.35 -7.80
N GLN B 27 -1.54 11.57 -7.76
CA GLN B 27 -2.78 12.04 -7.16
C GLN B 27 -2.73 12.00 -5.64
N MET B 28 -1.71 11.36 -5.07
CA MET B 28 -1.58 11.15 -3.63
CA MET B 28 -1.60 11.17 -3.63
C MET B 28 -0.46 11.95 -3.00
N PHE B 29 0.63 12.20 -3.72
CA PHE B 29 1.80 12.86 -3.17
C PHE B 29 2.21 14.02 -4.06
N ASP B 30 2.89 15.00 -3.44
CA ASP B 30 3.20 16.25 -4.14
C ASP B 30 4.19 16.05 -5.27
N HIS B 31 5.17 15.17 -5.07
CA HIS B 31 6.22 14.96 -6.07
C HIS B 31 6.57 13.48 -6.11
N VAL B 32 6.63 12.92 -7.32
CA VAL B 32 6.88 11.50 -7.52
C VAL B 32 8.12 11.36 -8.39
N ILE B 33 9.11 10.65 -7.88
CA ILE B 33 10.30 10.30 -8.64
C ILE B 33 10.11 8.90 -9.21
N LEU B 34 9.93 8.81 -10.53
CA LEU B 34 9.95 7.52 -11.21
CA LEU B 34 9.95 7.52 -11.24
C LEU B 34 11.41 7.13 -11.40
N ALA B 35 11.87 6.16 -10.61
CA ALA B 35 13.29 5.81 -10.52
C ALA B 35 13.53 4.48 -11.23
N ILE B 36 14.37 4.52 -12.26
CA ILE B 36 14.63 3.35 -13.09
C ILE B 36 15.95 2.73 -12.66
N ALA B 37 15.87 1.53 -12.08
CA ALA B 37 17.06 0.80 -11.67
C ALA B 37 17.80 0.25 -12.88
N ALA B 38 19.14 0.35 -12.84
CA ALA B 38 19.96 -0.16 -13.94
C ALA B 38 19.69 -1.65 -14.17
N SER B 39 19.57 -2.41 -13.08
CA SER B 39 19.23 -3.83 -13.11
C SER B 39 20.04 -4.67 -14.13
N PRO B 40 21.37 -4.59 -14.08
CA PRO B 40 22.16 -5.39 -15.05
C PRO B 40 21.97 -6.88 -14.87
N SER B 41 21.68 -7.34 -13.66
CA SER B 41 21.49 -8.77 -13.41
C SER B 41 20.29 -9.33 -14.18
N LYS B 42 19.31 -8.49 -14.49
CA LYS B 42 18.16 -8.92 -15.26
C LYS B 42 18.38 -8.85 -16.77
N LYS B 43 19.56 -8.40 -17.21
CA LYS B 43 19.92 -8.25 -18.61
C LYS B 43 18.80 -7.58 -19.38
N PRO B 44 18.53 -6.29 -19.12
CA PRO B 44 17.35 -5.65 -19.73
C PRO B 44 17.46 -5.51 -21.23
N MET B 45 16.30 -5.54 -21.88
CA MET B 45 16.24 -5.36 -23.33
C MET B 45 16.64 -3.96 -23.73
N PHE B 46 16.21 -2.95 -22.98
CA PHE B 46 16.56 -1.55 -23.24
C PHE B 46 17.63 -1.10 -22.28
N THR B 47 18.56 -0.26 -22.76
CA THR B 47 19.55 0.30 -21.86
C THR B 47 18.87 1.24 -20.86
N LEU B 48 19.62 1.59 -19.81
CA LEU B 48 19.05 2.51 -18.82
C LEU B 48 18.70 3.85 -19.47
N GLU B 49 19.55 4.34 -20.37
CA GLU B 49 19.27 5.63 -21.00
C GLU B 49 18.05 5.54 -21.90
N GLU B 50 17.88 4.41 -22.59
CA GLU B 50 16.65 4.18 -23.35
C GLU B 50 15.42 4.18 -22.44
N ARG B 51 15.50 3.43 -21.33
CA ARG B 51 14.34 3.30 -20.45
C ARG B 51 13.96 4.64 -19.84
N VAL B 52 14.95 5.45 -19.47
CA VAL B 52 14.67 6.78 -18.92
C VAL B 52 13.96 7.65 -19.96
N ALA B 53 14.48 7.68 -21.18
CA ALA B 53 13.87 8.48 -22.24
C ALA B 53 12.45 8.02 -22.52
N LEU B 54 12.25 6.71 -22.62
CA LEU B 54 10.90 6.17 -22.83
C LEU B 54 9.95 6.62 -21.73
N ALA B 55 10.39 6.51 -20.48
CA ALA B 55 9.52 6.86 -19.35
C ALA B 55 9.27 8.37 -19.29
N GLN B 56 10.29 9.17 -19.63
CA GLN B 56 10.12 10.62 -19.65
C GLN B 56 9.01 11.01 -20.62
N GLN B 57 9.11 10.52 -21.87
CA GLN B 57 8.09 10.79 -22.87
C GLN B 57 6.73 10.26 -22.40
N ALA B 58 6.69 9.03 -21.88
CA ALA B 58 5.44 8.42 -21.46
C ALA B 58 4.77 9.11 -20.28
N THR B 59 5.51 9.93 -19.53
CA THR B 59 4.93 10.62 -18.36
C THR B 59 5.01 12.13 -18.48
N ALA B 60 5.38 12.65 -19.66
CA ALA B 60 5.53 14.09 -19.82
C ALA B 60 4.24 14.85 -19.48
N HIS B 61 3.09 14.21 -19.61
CA HIS B 61 1.82 14.87 -19.32
C HIS B 61 1.55 15.02 -17.83
N LEU B 62 2.34 14.39 -16.96
CA LEU B 62 2.15 14.46 -15.51
C LEU B 62 3.15 15.46 -14.94
N GLY B 63 2.63 16.57 -14.42
CA GLY B 63 3.48 17.69 -14.04
C GLY B 63 4.42 17.41 -12.88
N ASN B 64 4.00 16.57 -11.93
CA ASN B 64 4.79 16.33 -10.73
C ASN B 64 5.52 14.98 -10.76
N VAL B 65 5.86 14.49 -11.95
CA VAL B 65 6.67 13.29 -12.11
C VAL B 65 8.07 13.70 -12.55
N GLU B 66 9.08 13.07 -11.94
CA GLU B 66 10.48 13.26 -12.28
C GLU B 66 11.07 11.89 -12.59
N VAL B 67 11.61 11.70 -13.79
CA VAL B 67 12.19 10.43 -14.19
C VAL B 67 13.70 10.51 -14.01
N VAL B 68 14.26 9.57 -13.24
CA VAL B 68 15.69 9.50 -12.96
C VAL B 68 16.10 8.03 -13.00
N GLY B 69 17.27 7.77 -13.59
CA GLY B 69 17.86 6.45 -13.52
C GLY B 69 18.83 6.35 -12.36
N PHE B 70 19.05 5.12 -11.90
CA PHE B 70 19.97 4.94 -10.80
C PHE B 70 20.52 3.54 -10.77
N SER B 71 21.75 3.43 -10.28
CA SER B 71 22.39 2.16 -10.01
C SER B 71 22.68 2.00 -8.53
N ASP B 72 22.25 2.95 -7.69
CA ASP B 72 22.52 2.86 -6.27
C ASP B 72 21.61 1.83 -5.62
N LEU B 73 21.83 1.62 -4.34
CA LEU B 73 20.86 0.90 -3.54
C LEU B 73 19.62 1.77 -3.50
N MET B 74 18.45 1.20 -3.79
CA MET B 74 17.24 2.02 -3.84
C MET B 74 17.01 2.76 -2.52
N ALA B 75 17.33 2.12 -1.38
CA ALA B 75 17.12 2.80 -0.10
C ALA B 75 17.98 4.07 0.00
N ASN B 76 19.25 3.99 -0.41
CA ASN B 76 20.10 5.17 -0.41
C ASN B 76 19.59 6.21 -1.40
N PHE B 77 19.15 5.77 -2.57
CA PHE B 77 18.66 6.69 -3.59
C PHE B 77 17.42 7.42 -3.08
N ALA B 78 16.53 6.70 -2.38
CA ALA B 78 15.36 7.34 -1.79
C ALA B 78 15.77 8.39 -0.75
N ARG B 79 16.74 8.06 0.10
CA ARG B 79 17.23 9.06 1.05
C ARG B 79 17.81 10.27 0.34
N ASN B 80 18.59 10.03 -0.71
CA ASN B 80 19.25 11.10 -1.44
C ASN B 80 18.29 11.90 -2.31
N GLN B 81 17.07 11.42 -2.49
CA GLN B 81 16.00 12.18 -3.14
C GLN B 81 15.07 12.82 -2.14
N HIS B 82 15.36 12.68 -0.85
CA HIS B 82 14.52 13.18 0.24
C HIS B 82 13.10 12.62 0.14
N ALA B 83 13.01 11.36 -0.28
CA ALA B 83 11.73 10.68 -0.36
C ALA B 83 11.47 9.94 0.95
N THR B 84 10.23 10.03 1.41
CA THR B 84 9.79 9.31 2.60
C THR B 84 8.73 8.27 2.30
N VAL B 85 8.38 8.08 1.03
CA VAL B 85 7.42 7.06 0.60
C VAL B 85 8.00 6.32 -0.60
N LEU B 86 7.91 5.00 -0.57
CA LEU B 86 8.31 4.15 -1.69
C LEU B 86 7.07 3.44 -2.23
N ILE B 87 6.76 3.70 -3.50
CA ILE B 87 5.57 3.17 -4.18
C ILE B 87 5.92 1.89 -4.91
N ARG B 88 5.09 0.86 -4.77
CA ARG B 88 5.17 -0.30 -5.64
C ARG B 88 3.74 -0.74 -5.95
N GLY B 89 3.55 -1.22 -7.18
CA GLY B 89 2.27 -1.77 -7.57
C GLY B 89 2.31 -3.25 -7.25
N LEU B 90 1.16 -3.79 -6.85
CA LEU B 90 1.04 -5.19 -6.50
C LEU B 90 0.17 -5.87 -7.54
N ARG B 91 0.65 -6.97 -8.09
CA ARG B 91 -0.09 -7.67 -9.14
C ARG B 91 -0.58 -9.02 -8.69
N ALA B 92 0.32 -9.94 -8.35
CA ALA B 92 -0.03 -11.33 -8.05
C ALA B 92 0.60 -11.75 -6.73
N VAL B 93 0.36 -13.01 -6.35
CA VAL B 93 0.91 -13.54 -5.11
C VAL B 93 2.45 -13.52 -5.16
N ALA B 94 3.02 -13.90 -6.30
CA ALA B 94 4.48 -13.90 -6.41
C ALA B 94 5.04 -12.50 -6.20
N ASP B 95 4.39 -11.48 -6.78
CA ASP B 95 4.78 -10.10 -6.52
CA ASP B 95 4.75 -10.09 -6.51
C ASP B 95 4.75 -9.81 -5.02
N PHE B 96 3.58 -9.97 -4.41
CA PHE B 96 3.38 -9.68 -2.99
C PHE B 96 4.49 -10.26 -2.12
N GLU B 97 4.82 -11.54 -2.31
CA GLU B 97 5.80 -12.18 -1.45
C GLU B 97 7.17 -11.57 -1.63
N TYR B 98 7.53 -11.26 -2.87
CA TYR B 98 8.81 -10.61 -3.13
C TYR B 98 8.81 -9.17 -2.64
N GLU B 99 7.71 -8.44 -2.85
CA GLU B 99 7.63 -7.07 -2.35
C GLU B 99 7.74 -7.02 -0.83
N MET B 100 7.18 -8.02 -0.15
CA MET B 100 7.29 -8.09 1.31
C MET B 100 8.74 -8.18 1.75
N GLN B 101 9.49 -9.09 1.12
CA GLN B 101 10.91 -9.24 1.39
C GLN B 101 11.63 -7.91 1.21
N LEU B 102 11.43 -7.30 0.03
CA LEU B 102 12.03 -6.01 -0.27
CA LEU B 102 12.03 -6.01 -0.27
C LEU B 102 11.68 -4.95 0.76
N ALA B 103 10.41 -4.86 1.13
CA ALA B 103 9.98 -3.82 2.06
C ALA B 103 10.66 -3.99 3.42
N HIS B 104 10.73 -5.22 3.91
CA HIS B 104 11.39 -5.46 5.19
C HIS B 104 12.87 -5.16 5.12
N MET B 105 13.52 -5.47 3.99
CA MET B 105 14.93 -5.10 3.85
C MET B 105 15.08 -3.58 3.80
N ASN B 106 14.24 -2.90 3.02
CA ASN B 106 14.32 -1.45 2.92
C ASN B 106 14.03 -0.78 4.26
N ARG B 107 13.11 -1.36 5.05
CA ARG B 107 12.83 -0.83 6.38
C ARG B 107 14.06 -0.96 7.26
N HIS B 108 14.82 -2.04 7.10
CA HIS B 108 16.07 -2.20 7.82
C HIS B 108 17.10 -1.16 7.41
N LEU B 109 17.18 -0.88 6.10
CA LEU B 109 18.15 0.07 5.56
C LEU B 109 17.74 1.52 5.77
N MET B 110 16.45 1.82 5.72
CA MET B 110 15.96 3.19 5.89
C MET B 110 14.62 3.14 6.61
N PRO B 111 14.64 3.14 7.95
CA PRO B 111 13.38 2.92 8.70
C PRO B 111 12.32 3.99 8.49
N GLU B 112 12.69 5.22 8.14
CA GLU B 112 11.71 6.29 7.91
C GLU B 112 11.19 6.31 6.48
N LEU B 113 11.56 5.34 5.66
CA LEU B 113 11.03 5.23 4.30
C LEU B 113 9.88 4.25 4.39
N GLU B 114 8.68 4.73 4.11
CA GLU B 114 7.50 3.90 4.24
C GLU B 114 7.15 3.32 2.88
N SER B 115 7.07 2.00 2.81
CA SER B 115 6.69 1.33 1.57
C SER B 115 5.17 1.24 1.52
N VAL B 116 4.58 1.75 0.45
CA VAL B 116 3.13 1.69 0.25
C VAL B 116 2.86 1.03 -1.08
N PHE B 117 1.85 0.17 -1.12
CA PHE B 117 1.51 -0.60 -2.30
C PHE B 117 0.15 -0.20 -2.84
N LEU B 118 0.06 -0.15 -4.17
CA LEU B 118 -1.14 0.19 -4.88
C LEU B 118 -1.56 -1.01 -5.71
N MET B 119 -2.83 -1.22 -5.78
CA MET B 119 -3.32 -2.30 -6.62
C MET B 119 -3.67 -1.76 -8.00
N PRO B 120 -3.21 -2.38 -9.07
CA PRO B 120 -3.47 -1.85 -10.41
C PRO B 120 -4.91 -2.01 -10.84
N SER B 121 -5.29 -1.21 -11.83
CA SER B 121 -6.58 -1.34 -12.48
C SER B 121 -6.75 -2.76 -13.00
N LYS B 122 -8.00 -3.22 -13.09
CA LYS B 122 -8.27 -4.54 -13.66
C LYS B 122 -7.68 -4.67 -15.06
N GLU B 123 -7.70 -3.59 -15.83
CA GLU B 123 -7.17 -3.62 -17.20
C GLU B 123 -5.73 -4.10 -17.26
N TRP B 124 -4.91 -3.75 -16.27
CA TRP B 124 -3.48 -4.05 -16.30
C TRP B 124 -3.06 -5.09 -15.27
N SER B 125 -4.01 -5.75 -14.61
CA SER B 125 -3.71 -6.65 -13.50
CA SER B 125 -3.68 -6.64 -13.50
C SER B 125 -3.04 -7.94 -13.94
N PHE B 126 -2.95 -8.21 -15.24
CA PHE B 126 -2.38 -9.47 -15.70
C PHE B 126 -1.25 -9.30 -16.70
N ILE B 127 -0.70 -8.09 -16.82
CA ILE B 127 0.40 -7.85 -17.75
C ILE B 127 1.65 -7.48 -16.97
N SER B 128 2.78 -7.63 -17.65
CA SER B 128 4.09 -7.26 -17.11
C SER B 128 4.98 -6.91 -18.30
N SER B 129 6.11 -6.27 -18.00
CA SER B 129 7.10 -6.02 -19.05
C SER B 129 7.54 -7.32 -19.70
N SER B 130 7.79 -8.35 -18.88
CA SER B 130 8.21 -9.65 -19.39
C SER B 130 7.19 -10.23 -20.36
N LEU B 131 5.92 -10.27 -19.95
CA LEU B 131 4.88 -10.85 -20.80
C LEU B 131 4.74 -10.07 -22.10
N VAL B 132 4.74 -8.74 -22.02
CA VAL B 132 4.56 -7.92 -23.23
C VAL B 132 5.70 -8.16 -24.20
N LYS B 133 6.94 -8.21 -23.70
CA LYS B 133 8.08 -8.50 -24.57
C LYS B 133 7.94 -9.86 -25.22
N GLU B 134 7.48 -10.88 -24.48
CA GLU B 134 7.33 -12.20 -25.04
C GLU B 134 6.33 -12.20 -26.19
N VAL B 135 5.18 -11.53 -26.02
CA VAL B 135 4.19 -11.46 -27.08
C VAL B 135 4.77 -10.73 -28.28
N ALA B 136 5.44 -9.60 -28.03
CA ALA B 136 6.04 -8.82 -29.11
C ALA B 136 7.11 -9.61 -29.85
N ARG B 137 7.93 -10.38 -29.11
CA ARG B 137 8.95 -11.21 -29.74
C ARG B 137 8.33 -12.17 -30.76
N HIS B 138 7.10 -12.60 -30.54
CA HIS B 138 6.37 -13.44 -31.47
C HIS B 138 5.38 -12.67 -32.34
N GLN B 139 5.58 -11.35 -32.47
CA GLN B 139 4.83 -10.52 -33.41
C GLN B 139 3.35 -10.45 -33.06
N GLY B 140 3.02 -10.57 -31.78
CA GLY B 140 1.67 -10.32 -31.35
C GLY B 140 1.45 -8.86 -31.03
N ASP B 141 0.19 -8.44 -31.09
CA ASP B 141 -0.16 -7.04 -30.98
C ASP B 141 -0.21 -6.64 -29.52
N VAL B 142 0.69 -5.75 -29.11
CA VAL B 142 0.77 -5.23 -27.76
C VAL B 142 0.52 -3.72 -27.71
N THR B 143 -0.12 -3.16 -28.75
CA THR B 143 -0.40 -1.72 -28.74
C THR B 143 -1.29 -1.33 -27.57
N HIS B 144 -2.16 -2.23 -27.11
CA HIS B 144 -3.08 -1.91 -26.03
C HIS B 144 -2.38 -1.76 -24.69
N PHE B 145 -1.18 -2.31 -24.55
CA PHE B 145 -0.52 -2.41 -23.26
C PHE B 145 0.59 -1.39 -23.04
N LEU B 146 0.95 -0.61 -24.06
CA LEU B 146 2.11 0.26 -23.95
C LEU B 146 1.75 1.67 -24.37
N PRO B 147 2.41 2.68 -23.77
CA PRO B 147 2.34 4.03 -24.34
C PRO B 147 2.82 4.02 -25.78
N GLU B 148 2.25 4.92 -26.58
CA GLU B 148 2.57 4.97 -28.01
C GLU B 148 4.07 4.98 -28.26
N ASN B 149 4.79 5.90 -27.60
CA ASN B 149 6.24 5.99 -27.82
C ASN B 149 6.94 4.69 -27.46
N VAL B 150 6.47 3.99 -26.42
CA VAL B 150 7.11 2.75 -26.02
C VAL B 150 6.83 1.65 -27.03
N HIS B 151 5.59 1.58 -27.53
CA HIS B 151 5.27 0.59 -28.55
C HIS B 151 6.16 0.77 -29.77
N GLN B 152 6.30 2.01 -30.25
CA GLN B 152 7.17 2.29 -31.38
C GLN B 152 8.59 1.80 -31.11
N ALA B 153 9.13 2.13 -29.93
CA ALA B 153 10.51 1.76 -29.63
C ALA B 153 10.66 0.25 -29.52
N LEU B 154 9.67 -0.43 -28.95
CA LEU B 154 9.72 -1.89 -28.86
C LEU B 154 9.67 -2.53 -30.25
N MET B 155 8.74 -2.09 -31.09
CA MET B 155 8.71 -2.54 -32.48
C MET B 155 10.04 -2.31 -33.17
N ALA B 156 10.55 -1.08 -33.07
CA ALA B 156 11.84 -0.75 -33.68
C ALA B 156 12.95 -1.65 -33.16
N LYS B 157 13.01 -1.83 -31.84
CA LYS B 157 14.01 -2.71 -31.23
C LYS B 157 13.97 -4.10 -31.85
N LEU B 158 12.79 -4.73 -31.89
CA LEU B 158 12.66 -6.10 -32.38
C LEU B 158 12.83 -6.19 -33.89
N ALA B 159 12.56 -5.12 -34.63
CA ALA B 159 12.78 -5.12 -36.07
C ALA B 159 14.25 -5.19 -36.45
N VAL B 160 15.16 -4.98 -35.49
CA VAL B 160 16.59 -5.06 -35.75
C VAL B 160 17.12 -6.45 -35.43
C1 CWM C . -16.49 -2.56 -0.10
C2 CWM C . -16.74 -3.93 -0.08
C3 CWM C . -17.30 -4.53 1.04
C11 CWM C . -18.84 -2.77 5.40
C4 CWM C . -16.79 -1.77 1.00
C6 CWM C . -17.36 -2.40 2.12
C7 CWM C . -17.61 -3.74 2.14
C9 CWM C . -18.28 -2.93 4.02
N10 CWM C . -17.78 -1.89 3.32
N8 CWM C . -18.20 -4.08 3.37
O5 CWM C . -16.57 -0.43 0.95
S SO4 D . 10.28 -4.25 10.83
O1 SO4 D . 11.45 -3.59 10.28
O2 SO4 D . 10.65 -5.60 11.24
O3 SO4 D . 9.76 -3.51 11.96
O4 SO4 D . 9.25 -4.33 9.80
S SO4 E . -7.29 -8.01 12.13
O1 SO4 E . -6.36 -7.94 13.25
O2 SO4 E . -6.64 -8.64 10.98
O3 SO4 E . -8.46 -8.78 12.52
O4 SO4 E . -7.68 -6.67 11.75
C1 PEG F . -13.66 19.00 1.84
O1 PEG F . -13.24 18.50 0.61
C2 PEG F . -12.78 18.37 2.92
O2 PEG F . -13.43 18.51 4.16
C3 PEG F . -12.90 17.71 5.18
C4 PEG F . -13.77 17.83 6.43
O4 PEG F . -14.78 16.85 6.34
C1 PEG G . -3.32 -4.86 10.34
O1 PEG G . -2.11 -5.43 9.88
C2 PEG G . -4.09 -4.49 9.08
O2 PEG G . -5.36 -3.93 9.29
C3 PEG G . -5.93 -3.59 8.05
C4 PEG G . -7.39 -3.99 7.88
O4 PEG G . -7.61 -5.32 8.24
CL CL H . -12.65 -23.52 21.43
C1 CWM I . 16.83 -3.26 -0.89
C2 CWM I . 16.85 -4.56 -1.36
C3 CWM I . 17.29 -4.85 -2.64
C11 CWM I . 19.03 -2.05 -6.34
C4 CWM I . 17.26 -2.21 -1.71
C6 CWM I . 17.70 -2.53 -3.00
C7 CWM I . 17.71 -3.81 -3.47
C9 CWM I . 18.48 -2.56 -5.04
N10 CWM I . 18.19 -1.73 -4.01
N8 CWM I . 18.21 -3.82 -4.77
O5 CWM I . 17.26 -0.93 -1.23
S SO4 J . 21.91 -5.63 -10.04
O1 SO4 J . 23.26 -6.16 -10.08
O2 SO4 J . 21.13 -6.16 -11.15
O3 SO4 J . 21.93 -4.18 -10.14
O4 SO4 J . 21.27 -6.01 -8.79
S SO4 K . -1.56 16.18 -3.93
O1 SO4 K . -1.13 16.60 -5.27
O2 SO4 K . -0.63 15.23 -3.35
O3 SO4 K . -2.87 15.56 -4.00
O4 SO4 K . -1.62 17.39 -3.12
S SO4 L . -10.40 -0.77 -12.03
O1 SO4 L . -9.64 -1.33 -10.93
O2 SO4 L . -10.84 -1.84 -12.92
O3 SO4 L . -11.59 -0.10 -11.53
O4 SO4 L . -9.56 0.16 -12.76
C1 PEG M . 7.36 -2.46 -9.19
O1 PEG M . 8.21 -1.74 -10.05
C2 PEG M . 6.05 -2.83 -9.91
O2 PEG M . 5.24 -1.69 -9.93
C3 PEG M . 3.96 -1.81 -10.47
C4 PEG M . 3.71 -3.16 -11.11
O4 PEG M . 2.31 -3.28 -11.21
P1 POP N . 9.20 -3.79 -13.18
O1 POP N . 10.01 -4.87 -13.86
O2 POP N . 9.66 -3.65 -11.75
O3 POP N . 9.42 -2.49 -13.89
O POP N . 7.62 -4.13 -13.21
P2 POP N . 6.95 -5.31 -14.09
O4 POP N . 7.86 -5.77 -15.21
O5 POP N . 6.63 -6.48 -13.20
O6 POP N . 5.66 -4.79 -14.69
#